data_7BAA
#
_entry.id   7BAA
#
_cell.length_a   82.002
_cell.length_b   112.757
_cell.length_c   62.486
_cell.angle_alpha   90.000
_cell.angle_beta   90.000
_cell.angle_gamma   90.000
#
_symmetry.space_group_name_H-M   'C 2 2 21'
#
loop_
_entity.id
_entity.type
_entity.pdbx_description
1 polymer '14-3-3 protein sigma'
2 polymer 'Estrogen receptor'
3 non-polymer 'MAGNESIUM ION'
4 non-polymer 2-(4-bromanyl-3-methoxy-phenoxy)-2-methyl-~{N}-(2-sulfanylethyl)propanamide
5 water water
#
loop_
_entity_poly.entity_id
_entity_poly.type
_entity_poly.pdbx_seq_one_letter_code
_entity_poly.pdbx_strand_id
1 'polypeptide(L)'
;GAMGSMERASLIQKAKLAEQAERYEDMAAFMKGAVEKGEELSNEERCLLSVAYKNVVGGQRAAWRVLSSIEQKSNEEGSE
EKGPEVREYREKVETELQGVCDTVLGLLDSHLIKEAGDAESRVFYLKMKGDYYRYLAEVATGDDKKRIIDSARSAYQEAM
DISKKEMPPTNPIRLGLALNFSVFHYEIANSPEEAISLAKTTFDEAMADLHTLSEDSYKDSTLIMQLLRDNLTLWT
;
A
2 'polypeptide(L)' AEGFPA(TPO)V B
#
# COMPACT_ATOMS: atom_id res chain seq x y z
N GLY A 1 9.32 -2.91 -22.98
CA GLY A 1 8.62 -1.76 -22.45
C GLY A 1 8.21 -0.76 -23.50
N ALA A 2 6.91 -0.46 -23.56
CA ALA A 2 6.42 0.60 -24.45
C ALA A 2 7.02 1.96 -24.09
N MET A 3 7.54 2.13 -22.86
CA MET A 3 8.21 3.35 -22.44
C MET A 3 9.71 3.32 -22.67
N GLY A 4 10.22 2.26 -23.30
CA GLY A 4 11.65 2.10 -23.45
C GLY A 4 12.32 3.21 -24.25
N SER A 5 11.59 3.84 -25.17
CA SER A 5 12.17 4.87 -26.00
C SER A 5 12.03 6.26 -25.41
N MET A 6 11.37 6.44 -24.28
CA MET A 6 11.19 7.77 -23.71
C MET A 6 12.24 8.02 -22.63
N GLU A 7 12.80 9.23 -22.64
CA GLU A 7 13.77 9.63 -21.62
C GLU A 7 13.20 9.47 -20.22
N ARG A 8 14.08 9.07 -19.28
CA ARG A 8 13.68 9.00 -17.88
C ARG A 8 13.06 10.32 -17.40
N ALA A 9 13.73 11.43 -17.69
CA ALA A 9 13.23 12.70 -17.17
C ALA A 9 11.87 13.03 -17.77
N SER A 10 11.65 12.65 -19.03
CA SER A 10 10.37 12.92 -19.67
C SER A 10 9.28 12.07 -19.05
N LEU A 11 9.60 10.82 -18.71
CA LEU A 11 8.64 9.97 -18.01
C LEU A 11 8.23 10.56 -16.68
N ILE A 12 9.21 11.07 -15.91
CA ILE A 12 8.90 11.71 -14.63
C ILE A 12 8.04 12.95 -14.84
N GLN A 13 8.41 13.77 -15.82
CA GLN A 13 7.62 14.98 -16.09
C GLN A 13 6.19 14.63 -16.45
N LYS A 14 6.01 13.62 -17.30
CA LYS A 14 4.68 13.23 -17.69
C LYS A 14 3.92 12.57 -16.56
N ALA A 15 4.58 11.85 -15.68
CA ALA A 15 3.90 11.32 -14.50
C ALA A 15 3.31 12.46 -13.68
N LYS A 16 4.05 13.56 -13.53
CA LYS A 16 3.54 14.70 -12.78
C LYS A 16 2.35 15.34 -13.49
N LEU A 17 2.43 15.46 -14.81
CA LEU A 17 1.28 15.96 -15.57
C LEU A 17 0.07 15.05 -15.41
N ALA A 18 0.28 13.76 -15.53
CA ALA A 18 -0.81 12.82 -15.39
C ALA A 18 -1.45 12.94 -14.03
N GLU A 19 -0.64 13.14 -12.99
CA GLU A 19 -1.22 13.34 -11.66
C GLU A 19 -2.11 14.57 -11.63
N GLN A 20 -1.64 15.68 -12.20
CA GLN A 20 -2.44 16.91 -12.25
C GLN A 20 -3.75 16.69 -12.99
N ALA A 21 -3.73 15.91 -14.06
CA ALA A 21 -4.93 15.60 -14.84
C ALA A 21 -5.74 14.45 -14.27
N GLU A 22 -5.34 13.89 -13.15
CA GLU A 22 -6.03 12.74 -12.55
C GLU A 22 -6.11 11.52 -13.47
N ARG A 23 -5.03 11.30 -14.23
CA ARG A 23 -4.92 10.18 -15.14
C ARG A 23 -3.99 9.16 -14.51
N TYR A 24 -4.49 8.41 -13.54
CA TYR A 24 -3.59 7.62 -12.72
C TYR A 24 -3.07 6.38 -13.42
N GLU A 25 -3.84 5.79 -14.35
N GLU A 25 -3.85 5.81 -14.33
CA GLU A 25 -3.29 4.69 -15.13
CA GLU A 25 -3.31 4.71 -15.12
C GLU A 25 -2.12 5.14 -15.99
C GLU A 25 -2.11 5.18 -15.93
N ASP A 26 -2.22 6.32 -16.63
CA ASP A 26 -1.08 6.85 -17.35
C ASP A 26 0.07 7.12 -16.40
N MET A 27 -0.23 7.71 -15.25
CA MET A 27 0.81 8.03 -14.28
C MET A 27 1.60 6.78 -13.92
N ALA A 28 0.88 5.71 -13.66
CA ALA A 28 1.50 4.44 -13.29
C ALA A 28 2.35 3.89 -14.42
N ALA A 29 1.85 3.95 -15.65
CA ALA A 29 2.63 3.50 -16.78
C ALA A 29 3.91 4.31 -16.97
N PHE A 30 3.84 5.62 -16.78
CA PHE A 30 5.04 6.44 -16.89
C PHE A 30 6.02 6.09 -15.79
N MET A 31 5.55 5.90 -14.55
CA MET A 31 6.45 5.55 -13.46
C MET A 31 7.04 4.15 -13.62
N LYS A 32 6.26 3.18 -14.10
CA LYS A 32 6.82 1.87 -14.43
C LYS A 32 7.96 2.02 -15.43
N GLY A 33 7.74 2.80 -16.48
CA GLY A 33 8.82 3.06 -17.42
C GLY A 33 10.04 3.69 -16.78
N ALA A 34 9.82 4.64 -15.87
CA ALA A 34 10.94 5.26 -15.18
C ALA A 34 11.72 4.25 -14.34
N VAL A 35 11.01 3.41 -13.58
CA VAL A 35 11.68 2.40 -12.78
C VAL A 35 12.50 1.48 -13.67
N GLU A 36 11.95 1.10 -14.80
CA GLU A 36 12.61 0.17 -15.69
C GLU A 36 13.84 0.75 -16.36
N LYS A 37 14.11 2.06 -16.22
CA LYS A 37 15.40 2.58 -16.66
C LYS A 37 16.54 2.02 -15.82
N GLY A 38 16.27 1.50 -14.62
CA GLY A 38 17.28 0.81 -13.86
C GLY A 38 17.96 1.66 -12.82
N GLU A 39 17.79 2.96 -12.82
CA GLU A 39 18.37 3.83 -11.80
C GLU A 39 17.49 3.81 -10.55
N GLU A 40 18.12 4.06 -9.41
CA GLU A 40 17.38 4.26 -8.17
C GLU A 40 16.46 5.46 -8.28
N LEU A 41 15.42 5.50 -7.45
CA LEU A 41 14.45 6.59 -7.41
C LEU A 41 14.75 7.53 -6.26
N SER A 42 14.57 8.82 -6.47
CA SER A 42 14.61 9.81 -5.40
C SER A 42 13.36 9.72 -4.52
N ASN A 43 13.37 10.47 -3.42
N ASN A 43 13.42 10.45 -3.41
CA ASN A 43 12.18 10.46 -2.55
CA ASN A 43 12.26 10.54 -2.55
C ASN A 43 10.94 10.93 -3.30
C ASN A 43 11.01 10.90 -3.34
N GLU A 44 11.06 11.99 -4.08
CA GLU A 44 9.90 12.47 -4.83
C GLU A 44 9.43 11.43 -5.84
N GLU A 45 10.37 10.76 -6.50
CA GLU A 45 10.00 9.76 -7.50
C GLU A 45 9.36 8.55 -6.86
N ARG A 46 9.81 8.14 -5.66
N ARG A 46 9.82 8.15 -5.67
CA ARG A 46 9.15 7.07 -4.94
CA ARG A 46 9.14 7.09 -4.94
C ARG A 46 7.71 7.46 -4.62
C ARG A 46 7.70 7.47 -4.63
N CYS A 47 7.49 8.71 -4.21
CA CYS A 47 6.13 9.19 -3.99
C CYS A 47 5.30 9.11 -5.25
N LEU A 48 5.83 9.51 -6.42
CA LEU A 48 5.06 9.41 -7.65
C LEU A 48 4.67 7.98 -7.95
N LEU A 49 5.61 7.06 -7.82
CA LEU A 49 5.31 5.65 -8.07
C LEU A 49 4.19 5.17 -7.16
N SER A 50 4.31 5.48 -5.87
N SER A 50 4.29 5.48 -5.87
CA SER A 50 3.35 5.02 -4.87
CA SER A 50 3.31 4.95 -4.93
C SER A 50 1.96 5.59 -5.16
C SER A 50 1.95 5.60 -5.13
N VAL A 51 1.89 6.89 -5.41
CA VAL A 51 0.61 7.56 -5.64
C VAL A 51 -0.08 6.97 -6.85
N ALA A 52 0.67 6.76 -7.93
CA ALA A 52 0.05 6.28 -9.16
C ALA A 52 -0.61 4.93 -8.91
N TYR A 53 0.15 3.96 -8.40
CA TYR A 53 -0.40 2.63 -8.20
C TYR A 53 -1.44 2.58 -7.09
N LYS A 54 -1.29 3.39 -6.04
CA LYS A 54 -2.30 3.38 -4.98
C LYS A 54 -3.64 3.79 -5.55
N ASN A 55 -3.64 4.78 -6.43
CA ASN A 55 -4.91 5.23 -7.01
C ASN A 55 -5.46 4.20 -7.99
N VAL A 56 -4.61 3.58 -8.81
CA VAL A 56 -5.12 2.56 -9.73
C VAL A 56 -5.72 1.40 -8.95
N VAL A 57 -4.95 0.84 -8.02
CA VAL A 57 -5.45 -0.34 -7.31
C VAL A 57 -6.57 0.03 -6.38
N GLY A 58 -6.59 1.25 -5.87
CA GLY A 58 -7.68 1.67 -5.00
C GLY A 58 -9.00 1.68 -5.74
N GLY A 59 -8.99 2.12 -7.00
CA GLY A 59 -10.21 2.07 -7.78
C GLY A 59 -10.63 0.64 -8.07
N GLN A 60 -9.67 -0.24 -8.33
CA GLN A 60 -9.99 -1.64 -8.58
C GLN A 60 -10.57 -2.29 -7.33
N ARG A 61 -9.97 -2.02 -6.15
CA ARG A 61 -10.49 -2.56 -4.90
C ARG A 61 -11.92 -2.09 -4.66
N ALA A 62 -12.19 -0.82 -4.88
CA ALA A 62 -13.55 -0.33 -4.65
C ALA A 62 -14.54 -1.03 -5.57
N ALA A 63 -14.16 -1.24 -6.82
CA ALA A 63 -15.05 -1.90 -7.77
C ALA A 63 -15.23 -3.36 -7.41
N TRP A 64 -14.14 -4.03 -7.01
CA TRP A 64 -14.22 -5.42 -6.57
C TRP A 64 -15.16 -5.57 -5.38
N ARG A 65 -15.11 -4.63 -4.43
CA ARG A 65 -16.00 -4.71 -3.30
C ARG A 65 -17.46 -4.54 -3.70
N VAL A 66 -17.75 -3.63 -4.60
CA VAL A 66 -19.13 -3.50 -5.09
C VAL A 66 -19.61 -4.80 -5.70
N LEU A 67 -18.80 -5.38 -6.59
CA LEU A 67 -19.20 -6.59 -7.29
C LEU A 67 -19.30 -7.77 -6.36
N SER A 68 -18.36 -7.89 -5.42
N SER A 68 -18.35 -7.89 -5.42
CA SER A 68 -18.43 -8.99 -4.46
CA SER A 68 -18.39 -8.99 -4.46
C SER A 68 -19.69 -8.92 -3.64
C SER A 68 -19.64 -8.93 -3.59
N SER A 69 -20.07 -7.72 -3.23
CA SER A 69 -21.29 -7.57 -2.44
C SER A 69 -22.50 -8.02 -3.26
N ILE A 70 -22.58 -7.60 -4.53
CA ILE A 70 -23.67 -8.06 -5.40
C ILE A 70 -23.64 -9.58 -5.52
N GLU A 71 -22.44 -10.16 -5.68
CA GLU A 71 -22.32 -11.60 -5.83
C GLU A 71 -22.78 -12.32 -4.56
N GLN A 72 -22.43 -11.78 -3.39
CA GLN A 72 -22.87 -12.40 -2.15
C GLN A 72 -24.39 -12.36 -2.01
N LYS A 73 -25.01 -11.23 -2.33
CA LYS A 73 -26.46 -11.11 -2.25
C LYS A 73 -27.14 -12.08 -3.21
N SER A 74 -26.57 -12.28 -4.40
CA SER A 74 -27.12 -13.23 -5.37
C SER A 74 -27.08 -14.66 -4.85
N ASN A 75 -26.19 -14.97 -3.91
CA ASN A 75 -26.06 -16.31 -3.37
C ASN A 75 -26.83 -16.52 -2.08
N GLU A 76 -27.68 -15.56 -1.69
CA GLU A 76 -28.49 -15.72 -0.50
C GLU A 76 -29.77 -16.51 -0.82
N GLU A 77 -30.46 -16.95 0.24
CA GLU A 77 -31.68 -17.70 0.06
C GLU A 77 -32.81 -16.80 -0.44
N GLY A 78 -33.59 -17.31 -1.39
CA GLY A 78 -34.65 -16.55 -2.00
C GLY A 78 -34.21 -15.65 -3.14
N SER A 79 -32.94 -15.70 -3.53
CA SER A 79 -32.43 -14.88 -4.62
C SER A 79 -32.69 -15.58 -5.95
N GLU A 80 -33.21 -14.83 -6.92
CA GLU A 80 -33.46 -15.38 -8.24
C GLU A 80 -32.13 -15.60 -8.96
N GLU A 81 -31.97 -16.76 -9.57
CA GLU A 81 -30.74 -17.08 -10.30
C GLU A 81 -30.57 -16.13 -11.48
N LYS A 82 -29.39 -15.52 -11.57
CA LYS A 82 -29.11 -14.57 -12.64
C LYS A 82 -28.02 -15.03 -13.60
N GLY A 83 -27.51 -16.26 -13.45
CA GLY A 83 -26.50 -16.77 -14.34
C GLY A 83 -25.10 -16.49 -13.84
N PRO A 84 -24.10 -16.81 -14.67
CA PRO A 84 -22.70 -16.68 -14.29
C PRO A 84 -22.15 -15.27 -14.38
N GLU A 85 -22.91 -14.28 -14.84
CA GLU A 85 -22.34 -12.98 -15.21
C GLU A 85 -21.72 -12.23 -14.05
N VAL A 86 -22.37 -12.21 -12.88
CA VAL A 86 -21.80 -11.46 -11.76
C VAL A 86 -20.45 -12.03 -11.35
N ARG A 87 -20.38 -13.35 -11.20
CA ARG A 87 -19.12 -14.00 -10.88
C ARG A 87 -18.09 -13.70 -11.96
N GLU A 88 -18.48 -13.82 -13.23
CA GLU A 88 -17.52 -13.59 -14.30
C GLU A 88 -16.97 -12.18 -14.22
N TYR A 89 -17.82 -11.20 -14.02
CA TYR A 89 -17.34 -9.84 -14.05
C TYR A 89 -16.50 -9.52 -12.81
N ARG A 90 -16.93 -10.02 -11.65
CA ARG A 90 -16.09 -9.91 -10.45
C ARG A 90 -14.72 -10.53 -10.69
N GLU A 91 -14.69 -11.71 -11.33
CA GLU A 91 -13.43 -12.36 -11.66
C GLU A 91 -12.61 -11.52 -12.62
N LYS A 92 -13.24 -10.88 -13.60
CA LYS A 92 -12.49 -10.02 -14.51
C LYS A 92 -11.80 -8.90 -13.76
N VAL A 93 -12.54 -8.18 -12.92
CA VAL A 93 -11.95 -7.10 -12.14
C VAL A 93 -10.88 -7.63 -11.21
N GLU A 94 -11.13 -8.78 -10.58
CA GLU A 94 -10.15 -9.38 -9.67
C GLU A 94 -8.86 -9.70 -10.39
N THR A 95 -8.96 -10.26 -11.61
CA THR A 95 -7.76 -10.64 -12.34
C THR A 95 -6.96 -9.41 -12.74
N GLU A 96 -7.65 -8.32 -13.06
N GLU A 96 -7.66 -8.35 -13.14
CA GLU A 96 -6.97 -7.08 -13.42
CA GLU A 96 -6.93 -7.12 -13.43
C GLU A 96 -6.30 -6.43 -12.21
C GLU A 96 -6.22 -6.60 -12.19
N LEU A 97 -6.94 -6.55 -11.06
CA LEU A 97 -6.34 -6.10 -9.81
C LEU A 97 -5.10 -6.92 -9.48
N GLN A 98 -5.20 -8.24 -9.57
CA GLN A 98 -4.05 -9.09 -9.30
C GLN A 98 -2.92 -8.76 -10.26
N GLY A 99 -3.25 -8.47 -11.51
CA GLY A 99 -2.21 -8.10 -12.47
C GLY A 99 -1.47 -6.84 -12.07
N VAL A 100 -2.19 -5.83 -11.61
CA VAL A 100 -1.54 -4.61 -11.14
C VAL A 100 -0.65 -4.90 -9.94
N CYS A 101 -1.17 -5.67 -8.97
CA CYS A 101 -0.36 -5.98 -7.81
C CYS A 101 0.91 -6.72 -8.23
N ASP A 102 0.79 -7.70 -9.14
CA ASP A 102 1.95 -8.43 -9.60
C ASP A 102 2.93 -7.50 -10.29
N THR A 103 2.43 -6.52 -11.02
CA THR A 103 3.32 -5.56 -11.68
C THR A 103 4.13 -4.78 -10.65
N VAL A 104 3.45 -4.26 -9.62
CA VAL A 104 4.16 -3.49 -8.60
C VAL A 104 5.16 -4.35 -7.87
N LEU A 105 4.73 -5.55 -7.46
CA LEU A 105 5.63 -6.44 -6.78
C LEU A 105 6.81 -6.77 -7.65
N GLY A 106 6.59 -6.90 -8.96
CA GLY A 106 7.69 -7.16 -9.87
C GLY A 106 8.69 -6.03 -9.94
N LEU A 107 8.22 -4.78 -9.92
CA LEU A 107 9.15 -3.65 -9.91
C LEU A 107 9.95 -3.63 -8.63
N LEU A 108 9.30 -3.96 -7.50
CA LEU A 108 10.00 -3.97 -6.22
C LEU A 108 11.06 -5.05 -6.22
N ASP A 109 10.74 -6.23 -6.77
CA ASP A 109 11.67 -7.33 -6.78
C ASP A 109 12.75 -7.19 -7.85
N SER A 110 12.51 -6.40 -8.86
CA SER A 110 13.42 -6.30 -10.03
C SER A 110 13.55 -4.83 -10.42
N HIS A 111 14.33 -4.03 -9.71
CA HIS A 111 15.26 -4.40 -8.65
C HIS A 111 15.26 -3.35 -7.54
N LEU A 112 14.09 -2.74 -7.25
CA LEU A 112 14.11 -1.59 -6.37
C LEU A 112 14.58 -1.94 -4.97
N ILE A 113 14.04 -3.00 -4.37
CA ILE A 113 14.40 -3.31 -2.98
C ILE A 113 15.87 -3.64 -2.84
N LYS A 114 16.41 -4.47 -3.73
CA LYS A 114 17.78 -4.92 -3.51
C LYS A 114 18.78 -3.79 -3.61
N GLU A 115 18.49 -2.70 -4.30
N GLU A 115 18.44 -2.70 -4.32
CA GLU A 115 19.45 -1.60 -4.32
CA GLU A 115 19.28 -1.52 -4.48
C GLU A 115 19.15 -0.55 -3.27
C GLU A 115 19.00 -0.46 -3.43
N ALA A 116 18.06 -0.68 -2.52
CA ALA A 116 17.67 0.33 -1.53
C ALA A 116 18.38 0.10 -0.22
N GLY A 117 19.31 0.97 0.09
CA GLY A 117 20.11 0.84 1.30
C GLY A 117 19.74 1.83 2.39
N ASP A 118 19.27 3.02 2.05
CA ASP A 118 18.93 3.96 3.10
C ASP A 118 17.60 3.59 3.69
N ALA A 119 17.37 3.93 4.96
CA ALA A 119 16.11 3.53 5.58
C ALA A 119 14.91 4.14 4.88
N GLU A 120 15.01 5.39 4.46
CA GLU A 120 13.85 6.04 3.87
C GLU A 120 13.41 5.37 2.57
N SER A 121 14.35 4.83 1.82
CA SER A 121 13.96 4.09 0.61
C SER A 121 13.55 2.67 0.94
N ARG A 122 14.35 1.96 1.73
CA ARG A 122 14.10 0.55 1.94
C ARG A 122 12.81 0.32 2.72
N VAL A 123 12.56 1.09 3.76
CA VAL A 123 11.31 0.96 4.50
C VAL A 123 10.12 1.25 3.60
N PHE A 124 10.20 2.30 2.78
N PHE A 124 10.24 2.31 2.80
CA PHE A 124 9.07 2.65 1.91
CA PHE A 124 9.19 2.70 1.85
C PHE A 124 8.80 1.54 0.90
C PHE A 124 8.83 1.54 0.93
N TYR A 125 9.84 0.95 0.31
CA TYR A 125 9.59 -0.14 -0.65
C TYR A 125 9.05 -1.39 0.03
N LEU A 126 9.57 -1.72 1.21
CA LEU A 126 9.06 -2.89 1.93
C LEU A 126 7.63 -2.67 2.40
N LYS A 127 7.28 -1.46 2.80
CA LYS A 127 5.87 -1.13 3.08
C LYS A 127 5.03 -1.36 1.84
N MET A 128 5.48 -0.89 0.67
N MET A 128 5.50 -0.90 0.69
CA MET A 128 4.72 -1.13 -0.56
CA MET A 128 4.79 -1.12 -0.55
C MET A 128 4.58 -2.63 -0.81
C MET A 128 4.60 -2.60 -0.82
N LYS A 129 5.64 -3.39 -0.61
CA LYS A 129 5.54 -4.82 -0.81
C LYS A 129 4.47 -5.43 0.08
N GLY A 130 4.47 -5.03 1.36
CA GLY A 130 3.41 -5.48 2.25
C GLY A 130 2.02 -5.07 1.78
N ASP A 131 1.89 -3.83 1.32
CA ASP A 131 0.60 -3.32 0.87
C ASP A 131 0.06 -4.14 -0.30
N TYR A 132 0.91 -4.40 -1.30
CA TYR A 132 0.40 -5.09 -2.50
C TYR A 132 0.15 -6.56 -2.24
N TYR A 133 0.93 -7.19 -1.36
CA TYR A 133 0.52 -8.53 -0.94
C TYR A 133 -0.77 -8.48 -0.13
N ARG A 134 -0.97 -7.44 0.66
CA ARG A 134 -2.23 -7.28 1.39
C ARG A 134 -3.41 -7.19 0.41
N TYR A 135 -3.26 -6.41 -0.68
CA TYR A 135 -4.33 -6.32 -1.65
C TYR A 135 -4.56 -7.67 -2.33
N LEU A 136 -3.51 -8.43 -2.61
CA LEU A 136 -3.71 -9.78 -3.10
C LEU A 136 -4.46 -10.63 -2.08
N ALA A 137 -4.14 -10.49 -0.78
CA ALA A 137 -4.81 -11.26 0.25
C ALA A 137 -6.26 -10.91 0.35
N GLU A 138 -6.64 -9.66 0.11
CA GLU A 138 -8.04 -9.28 0.21
C GLU A 138 -8.92 -10.10 -0.72
N VAL A 139 -8.39 -10.52 -1.87
CA VAL A 139 -9.17 -11.24 -2.88
C VAL A 139 -8.84 -12.71 -2.91
N ALA A 140 -7.89 -13.18 -2.11
CA ALA A 140 -7.48 -14.58 -2.15
C ALA A 140 -8.48 -15.45 -1.40
N THR A 141 -8.77 -16.60 -2.03
CA THR A 141 -9.66 -17.60 -1.48
C THR A 141 -9.10 -19.02 -1.66
N GLY A 142 -7.93 -19.19 -2.25
CA GLY A 142 -7.42 -20.48 -2.65
C GLY A 142 -6.31 -21.03 -1.78
N ASP A 143 -5.59 -22.02 -2.31
N ASP A 143 -5.57 -21.99 -2.36
CA ASP A 143 -4.62 -22.76 -1.52
CA ASP A 143 -4.54 -22.77 -1.68
C ASP A 143 -3.33 -22.01 -1.22
C ASP A 143 -3.41 -21.90 -1.17
N ASP A 144 -3.12 -20.85 -1.86
N ASP A 144 -3.07 -20.84 -1.89
CA ASP A 144 -1.96 -20.04 -1.56
CA ASP A 144 -1.93 -20.02 -1.55
C ASP A 144 -2.27 -18.88 -0.63
C ASP A 144 -2.27 -18.86 -0.63
N LYS A 145 -3.52 -18.78 -0.15
CA LYS A 145 -3.91 -17.62 0.66
C LYS A 145 -3.00 -17.43 1.87
N LYS A 146 -2.71 -18.52 2.60
CA LYS A 146 -1.84 -18.37 3.77
C LYS A 146 -0.48 -17.83 3.39
N ARG A 147 0.11 -18.34 2.29
CA ARG A 147 1.41 -17.86 1.86
C ARG A 147 1.32 -16.40 1.45
N ILE A 148 0.21 -15.98 0.83
CA ILE A 148 0.09 -14.57 0.44
C ILE A 148 0.06 -13.69 1.68
N ILE A 149 -0.73 -14.08 2.68
CA ILE A 149 -0.79 -13.35 3.93
C ILE A 149 0.58 -13.30 4.57
N ASP A 150 1.28 -14.44 4.59
CA ASP A 150 2.58 -14.46 5.21
C ASP A 150 3.58 -13.59 4.46
N SER A 151 3.48 -13.52 3.14
CA SER A 151 4.34 -12.63 2.39
C SER A 151 4.11 -11.17 2.78
N ALA A 152 2.85 -10.77 2.93
CA ALA A 152 2.60 -9.40 3.39
C ALA A 152 3.21 -9.18 4.76
N ARG A 153 2.92 -10.12 5.69
CA ARG A 153 3.45 -10.00 7.04
C ARG A 153 4.96 -9.86 7.04
N SER A 154 5.65 -10.70 6.29
CA SER A 154 7.10 -10.69 6.31
C SER A 154 7.68 -9.39 5.79
N ALA A 155 7.08 -8.84 4.73
CA ALA A 155 7.57 -7.56 4.21
C ALA A 155 7.34 -6.43 5.23
N TYR A 156 6.12 -6.37 5.78
CA TYR A 156 5.85 -5.37 6.82
C TYR A 156 6.81 -5.52 7.98
N GLN A 157 7.06 -6.76 8.40
CA GLN A 157 7.89 -6.97 9.58
C GLN A 157 9.31 -6.51 9.34
N GLU A 158 9.87 -6.79 8.15
CA GLU A 158 11.20 -6.30 7.86
C GLU A 158 11.24 -4.78 7.85
N ALA A 159 10.22 -4.16 7.25
CA ALA A 159 10.16 -2.72 7.26
C ALA A 159 10.07 -2.17 8.68
N MET A 160 9.28 -2.82 9.54
N MET A 160 9.28 -2.83 9.52
CA MET A 160 9.16 -2.35 10.92
CA MET A 160 9.11 -2.40 10.90
C MET A 160 10.49 -2.44 11.63
C MET A 160 10.43 -2.47 11.65
N ASP A 161 11.18 -3.57 11.45
CA ASP A 161 12.44 -3.74 12.18
C ASP A 161 13.43 -2.66 11.79
N ILE A 162 13.52 -2.35 10.49
CA ILE A 162 14.40 -1.29 10.05
C ILE A 162 13.96 0.05 10.60
N SER A 163 12.64 0.33 10.50
CA SER A 163 12.14 1.63 10.89
C SER A 163 12.39 1.90 12.38
N LYS A 164 12.28 0.89 13.21
CA LYS A 164 12.49 1.11 14.64
C LYS A 164 13.95 1.34 14.96
N LYS A 165 14.85 0.75 14.20
CA LYS A 165 16.27 0.95 14.44
C LYS A 165 16.80 2.24 13.83
N GLU A 166 16.25 2.67 12.69
CA GLU A 166 16.90 3.69 11.90
C GLU A 166 16.13 5.00 11.78
N MET A 167 14.89 5.10 12.23
CA MET A 167 14.11 6.30 12.05
C MET A 167 13.58 6.75 13.39
N PRO A 168 13.38 8.07 13.57
CA PRO A 168 12.73 8.53 14.80
C PRO A 168 11.26 8.14 14.79
N PRO A 169 10.64 8.09 15.95
CA PRO A 169 9.26 7.62 16.04
C PRO A 169 8.27 8.52 15.35
N THR A 170 8.62 9.76 15.02
CA THR A 170 7.73 10.66 14.29
C THR A 170 7.95 10.61 12.78
N ASN A 171 8.91 9.84 12.28
CA ASN A 171 9.16 9.86 10.85
CA ASN A 171 9.16 9.86 10.85
C ASN A 171 7.89 9.45 10.11
N PRO A 172 7.43 10.24 9.14
CA PRO A 172 6.15 9.89 8.49
C PRO A 172 6.13 8.53 7.84
N ILE A 173 7.24 8.08 7.26
CA ILE A 173 7.26 6.75 6.67
C ILE A 173 7.11 5.67 7.74
N ARG A 174 7.82 5.83 8.87
CA ARG A 174 7.62 4.91 10.00
C ARG A 174 6.17 4.90 10.43
N LEU A 175 5.56 6.07 10.54
CA LEU A 175 4.16 6.16 10.97
C LEU A 175 3.22 5.50 9.98
N GLY A 176 3.40 5.77 8.69
CA GLY A 176 2.53 5.21 7.68
C GLY A 176 2.68 3.70 7.57
N LEU A 177 3.89 3.20 7.68
CA LEU A 177 4.10 1.76 7.76
C LEU A 177 3.32 1.15 8.91
N ALA A 178 3.44 1.75 10.10
CA ALA A 178 2.74 1.21 11.27
C ALA A 178 1.24 1.24 11.09
N LEU A 179 0.74 2.35 10.53
CA LEU A 179 -0.68 2.47 10.23
C LEU A 179 -1.16 1.31 9.38
N ASN A 180 -0.44 1.03 8.29
CA ASN A 180 -0.88 0.02 7.35
C ASN A 180 -0.68 -1.40 7.92
N PHE A 181 0.43 -1.64 8.63
CA PHE A 181 0.63 -2.96 9.24
C PHE A 181 -0.42 -3.23 10.30
N SER A 182 -0.83 -2.20 11.03
CA SER A 182 -1.93 -2.33 11.97
C SER A 182 -3.22 -2.72 11.26
N VAL A 183 -3.52 -2.08 10.13
CA VAL A 183 -4.67 -2.48 9.32
C VAL A 183 -4.54 -3.93 8.86
N PHE A 184 -3.35 -4.32 8.39
CA PHE A 184 -3.12 -5.74 8.06
C PHE A 184 -3.53 -6.64 9.21
N HIS A 185 -3.06 -6.34 10.43
CA HIS A 185 -3.41 -7.19 11.55
C HIS A 185 -4.91 -7.25 11.73
N TYR A 186 -5.59 -6.12 11.62
CA TYR A 186 -7.03 -6.08 11.94
C TYR A 186 -7.85 -6.77 10.85
N GLU A 187 -7.57 -6.45 9.59
CA GLU A 187 -8.42 -6.84 8.47
C GLU A 187 -8.00 -8.12 7.81
N ILE A 188 -6.75 -8.50 7.85
CA ILE A 188 -6.23 -9.63 7.09
C ILE A 188 -5.87 -10.77 8.02
N ALA A 189 -5.15 -10.48 9.10
CA ALA A 189 -4.62 -11.52 9.97
C ALA A 189 -5.53 -11.87 11.12
N ASN A 190 -6.73 -11.36 11.22
N ASN A 190 -6.70 -11.24 11.21
CA ASN A 190 -7.59 -11.74 12.33
CA ASN A 190 -7.72 -11.48 12.24
C ASN A 190 -6.91 -11.49 13.67
C ASN A 190 -7.15 -11.31 13.65
N SER A 191 -6.26 -10.33 13.79
CA SER A 191 -5.52 -10.00 15.01
C SER A 191 -5.87 -8.59 15.45
N PRO A 192 -7.11 -8.34 15.83
CA PRO A 192 -7.48 -6.96 16.21
C PRO A 192 -6.70 -6.48 17.42
N GLU A 193 -6.38 -7.32 18.39
CA GLU A 193 -5.63 -6.82 19.53
C GLU A 193 -4.25 -6.35 19.13
N GLU A 194 -3.58 -7.09 18.25
CA GLU A 194 -2.26 -6.63 17.76
C GLU A 194 -2.42 -5.33 17.01
N ALA A 195 -3.46 -5.22 16.19
CA ALA A 195 -3.70 -4.00 15.44
C ALA A 195 -3.82 -2.79 16.36
N ILE A 196 -4.63 -2.95 17.42
CA ILE A 196 -4.87 -1.87 18.38
C ILE A 196 -3.60 -1.53 19.15
N SER A 197 -2.92 -2.57 19.64
N SER A 197 -2.88 -2.56 19.61
CA SER A 197 -1.67 -2.33 20.36
CA SER A 197 -1.66 -2.30 20.37
C SER A 197 -0.68 -1.56 19.50
C SER A 197 -0.60 -1.62 19.52
N LEU A 198 -0.48 -2.01 18.26
CA LEU A 198 0.48 -1.35 17.38
C LEU A 198 0.10 0.11 17.15
N ALA A 199 -1.16 0.36 16.83
CA ALA A 199 -1.56 1.76 16.58
C ALA A 199 -1.37 2.62 17.81
N LYS A 200 -1.72 2.11 18.99
CA LYS A 200 -1.60 2.88 20.22
C LYS A 200 -0.14 3.17 20.56
N THR A 201 0.70 2.15 20.55
CA THR A 201 2.10 2.38 20.87
C THR A 201 2.78 3.30 19.87
N THR A 202 2.46 3.14 18.60
CA THR A 202 3.04 4.03 17.59
C THR A 202 2.63 5.47 17.86
N PHE A 203 1.34 5.68 18.13
CA PHE A 203 0.83 7.03 18.36
C PHE A 203 1.52 7.64 19.59
N ASP A 204 1.60 6.86 20.66
CA ASP A 204 2.14 7.40 21.90
C ASP A 204 3.63 7.72 21.78
N GLU A 205 4.38 6.87 21.09
N GLU A 205 4.39 6.84 21.14
CA GLU A 205 5.81 7.10 20.94
CA GLU A 205 5.81 7.12 20.96
C GLU A 205 6.11 8.27 20.01
C GLU A 205 6.01 8.37 20.12
N ALA A 206 5.22 8.50 19.05
CA ALA A 206 5.33 9.69 18.21
C ALA A 206 5.01 10.96 19.01
N MET A 207 3.91 10.91 19.79
N MET A 207 3.93 10.92 19.79
CA MET A 207 3.53 12.05 20.63
CA MET A 207 3.57 12.07 20.60
C MET A 207 4.72 12.56 21.43
C MET A 207 4.76 12.56 21.41
N ALA A 208 5.46 11.64 22.03
CA ALA A 208 6.56 11.98 22.91
C ALA A 208 7.76 12.56 22.19
N ASP A 209 7.84 12.43 20.86
CA ASP A 209 8.95 12.93 20.07
C ASP A 209 8.60 14.19 19.31
N LEU A 210 7.35 14.62 19.34
CA LEU A 210 6.96 15.81 18.57
C LEU A 210 7.76 17.04 18.97
N HIS A 211 8.20 17.11 20.24
CA HIS A 211 8.87 18.30 20.75
C HIS A 211 10.15 18.58 20.02
N THR A 212 10.71 17.60 19.31
CA THR A 212 11.97 17.75 18.61
C THR A 212 11.83 18.35 17.24
N LEU A 213 10.63 18.56 16.77
CA LEU A 213 10.37 18.84 15.37
C LEU A 213 10.12 20.31 15.09
N SER A 214 10.44 20.70 13.86
CA SER A 214 10.03 21.99 13.33
C SER A 214 8.53 22.02 13.12
N GLU A 215 8.01 23.21 12.85
CA GLU A 215 6.57 23.34 12.59
C GLU A 215 6.15 22.51 11.39
N ASP A 216 6.95 22.51 10.32
CA ASP A 216 6.56 21.76 9.14
C ASP A 216 6.62 20.25 9.39
N SER A 217 7.67 19.77 10.05
CA SER A 217 7.74 18.33 10.36
C SER A 217 6.59 17.92 11.29
N TYR A 218 6.27 18.78 12.26
CA TYR A 218 5.16 18.52 13.16
CA TYR A 218 5.15 18.55 13.16
C TYR A 218 3.87 18.35 12.38
N LYS A 219 3.62 19.21 11.40
CA LYS A 219 2.43 19.04 10.57
C LYS A 219 2.42 17.67 9.87
N ASP A 220 3.55 17.29 9.30
CA ASP A 220 3.64 16.02 8.57
C ASP A 220 3.37 14.84 9.51
N SER A 221 3.96 14.87 10.70
CA SER A 221 3.81 13.73 11.59
C SER A 221 2.43 13.66 12.20
N THR A 222 1.89 14.81 12.64
CA THR A 222 0.57 14.80 13.25
C THR A 222 -0.52 14.38 12.27
N LEU A 223 -0.33 14.65 10.97
CA LEU A 223 -1.30 14.20 9.98
C LEU A 223 -1.45 12.68 10.04
N ILE A 224 -0.36 11.96 10.05
CA ILE A 224 -0.45 10.49 10.09
C ILE A 224 -0.87 10.02 11.46
N MET A 225 -0.40 10.70 12.54
CA MET A 225 -0.89 10.32 13.88
C MET A 225 -2.41 10.39 13.96
N GLN A 226 -3.02 11.37 13.30
CA GLN A 226 -4.47 11.46 13.37
C GLN A 226 -5.14 10.27 12.71
N LEU A 227 -4.54 9.73 11.63
CA LEU A 227 -5.04 8.51 11.01
C LEU A 227 -4.98 7.33 11.98
N LEU A 228 -3.88 7.21 12.75
CA LEU A 228 -3.81 6.15 13.74
C LEU A 228 -4.92 6.32 14.75
N ARG A 229 -5.14 7.55 15.20
CA ARG A 229 -6.21 7.82 16.16
C ARG A 229 -7.58 7.49 15.56
N ASP A 230 -7.80 7.84 14.29
CA ASP A 230 -9.08 7.55 13.66
C ASP A 230 -9.33 6.04 13.65
N ASN A 231 -8.31 5.26 13.32
CA ASN A 231 -8.50 3.81 13.36
C ASN A 231 -8.74 3.31 14.77
N LEU A 232 -8.00 3.82 15.75
CA LEU A 232 -8.27 3.41 17.13
C LEU A 232 -9.69 3.72 17.52
N THR A 233 -10.20 4.87 17.11
CA THR A 233 -11.58 5.21 17.44
C THR A 233 -12.57 4.26 16.75
N LEU A 234 -12.29 3.89 15.51
CA LEU A 234 -13.13 2.92 14.81
C LEU A 234 -13.14 1.57 15.51
N TRP A 235 -12.02 1.17 16.11
CA TRP A 235 -11.84 -0.19 16.60
C TRP A 235 -12.15 -0.36 18.08
N THR A 236 -12.45 0.72 18.80
CA THR A 236 -12.65 0.63 20.24
C THR A 236 -13.97 1.29 20.62
N PHE B 4 -14.19 1.45 5.87
CA PHE B 4 -12.85 0.88 5.91
C PHE B 4 -11.90 1.74 6.76
N PRO B 5 -10.90 1.12 7.36
CA PRO B 5 -9.91 1.88 8.13
C PRO B 5 -8.94 2.62 7.21
N ALA B 6 -8.26 3.62 7.79
CA ALA B 6 -7.33 4.42 7.05
C ALA B 6 -6.01 3.73 6.78
N VAL B 8 -2.27 4.59 4.22
CA VAL B 8 -1.60 5.58 3.35
C VAL B 8 -0.74 4.92 2.32
#